data_8DES
#
_entry.id   8DES
#
_cell.length_a   1.00
_cell.length_b   1.00
_cell.length_c   1.00
_cell.angle_alpha   90.00
_cell.angle_beta   90.00
_cell.angle_gamma   90.00
#
_symmetry.space_group_name_H-M   'P 1'
#
loop_
_entity.id
_entity.type
_entity.pdbx_description
1 polymer 'Major capsid protein'
2 polymer 'Putative DNA binding protein'
#
loop_
_entity_poly.entity_id
_entity_poly.type
_entity_poly.pdbx_seq_one_letter_code
_entity_poly.pdbx_strand_id
1 'polypeptide(L)'
;MSKFGRKVPSNAKSQHNFSVIPSANIQRSVFNRSSGYKTTFDAGYLIPVFLDEALPGDTFHLKTSVLARLSTPVVPFMDN
LRLDIQYFSVPYRLVWDNWQKFNGEQKNPGDSTDYLIPQIKAPAGGFPVGSLADYFGVPTGVENISVSALPFRAYNLIYN
EWYRDENLINSAPLPLGDEEETGLANFPLRKRAKRHDYFTSALPWPQKGEGVEIGLGVPPSYTLEYPYYKEGMGFISSNY
GASGNIGRTFPTYIARSSVGDDSSSNIGNAAYFSEGLENGINFPNAPARGRYDVLGGFDPNTPPVTLKKEGGEVVDNLTI
NSLRQAFQLQRLLERDARGGTRYIEIIRSHFGVISPDARVQRPEYLGSGSFDININPVLQNSATTDASPQGNLAAYGVSG
GVNRGFSHSFVEHCFVIGLVSVRADLTYQQGIPRMFSRQTRFDFYWPALAHLGEQAILNKEIYAQGNAKDDEVFGYQERY
AEYRYRPSQITGKLRSTDPQSLDVWHLAQRFDSLPALNQEFIEENPPMKRVLAVQDEPQFIMDAFFDLKCVRPMPVYSVP
GLIDHF
;
A
2 'polypeptide(L)' MARSRRRMSKRSSRRSFRKYAKTHKRNFKARSMRGGIRL E
#
# COMPACT_ATOMS: atom_id res chain seq x y z
N PHE A 4 -13.01 -62.07 41.36
CA PHE A 4 -12.10 -62.16 40.21
C PHE A 4 -10.83 -61.39 40.49
N GLY A 5 -9.75 -61.67 39.76
CA GLY A 5 -8.50 -60.93 39.89
C GLY A 5 -8.55 -59.49 39.36
N ARG A 6 -7.55 -58.69 39.73
CA ARG A 6 -7.31 -57.32 39.25
C ARG A 6 -6.20 -57.31 38.19
N LYS A 7 -6.40 -56.62 37.07
CA LYS A 7 -5.43 -56.50 35.98
C LYS A 7 -4.11 -55.85 36.43
N VAL A 8 -2.99 -56.25 35.85
CA VAL A 8 -1.69 -55.60 36.05
C VAL A 8 -1.48 -54.45 35.06
N PRO A 9 -0.64 -53.45 35.37
CA PRO A 9 -0.39 -52.34 34.47
C PRO A 9 0.36 -52.74 33.19
N SER A 10 0.34 -51.91 32.16
CA SER A 10 1.26 -52.02 31.02
C SER A 10 2.43 -51.05 31.16
N ASN A 11 3.57 -51.32 30.53
CA ASN A 11 4.72 -50.41 30.56
C ASN A 11 4.65 -49.27 29.53
N ALA A 12 3.57 -49.16 28.76
CA ALA A 12 3.46 -48.24 27.62
C ALA A 12 3.82 -46.79 27.95
N LYS A 13 3.48 -46.29 29.14
CA LYS A 13 3.81 -44.92 29.55
C LYS A 13 5.29 -44.72 29.82
N SER A 14 5.98 -45.65 30.47
CA SER A 14 7.42 -45.50 30.68
C SER A 14 8.19 -45.61 29.37
N GLN A 15 7.78 -46.49 28.47
CA GLN A 15 8.37 -46.59 27.14
C GLN A 15 8.17 -45.30 26.33
N HIS A 16 6.99 -44.70 26.38
CA HIS A 16 6.75 -43.40 25.76
C HIS A 16 7.70 -42.35 26.34
N ASN A 17 7.82 -42.23 27.66
CA ASN A 17 8.70 -41.25 28.28
C ASN A 17 10.17 -41.39 27.86
N PHE A 18 10.70 -42.59 27.67
CA PHE A 18 12.09 -42.77 27.22
C PHE A 18 12.36 -42.22 25.81
N SER A 19 11.32 -42.03 25.02
CA SER A 19 11.38 -41.58 23.63
C SER A 19 11.29 -40.06 23.47
N VAL A 20 11.07 -39.31 24.54
CA VAL A 20 10.98 -37.85 24.49
C VAL A 20 12.37 -37.26 24.42
N ILE A 21 12.72 -36.56 23.35
CA ILE A 21 14.01 -35.89 23.22
C ILE A 21 14.10 -34.68 24.17
N PRO A 22 15.28 -34.35 24.71
CA PRO A 22 15.44 -33.17 25.54
C PRO A 22 15.29 -31.90 24.70
N SER A 23 14.91 -30.80 25.34
CA SER A 23 14.86 -29.50 24.69
C SER A 23 16.26 -29.00 24.34
N ALA A 24 16.41 -28.29 23.22
CA ALA A 24 17.68 -27.68 22.84
C ALA A 24 18.01 -26.50 23.76
N ASN A 25 19.27 -26.36 24.15
CA ASN A 25 19.74 -25.22 24.93
C ASN A 25 20.30 -24.14 23.97
N ILE A 26 19.66 -22.97 23.94
CA ILE A 26 19.72 -22.07 22.78
C ILE A 26 20.82 -21.01 22.85
N GLN A 27 21.22 -20.57 24.04
CA GLN A 27 22.22 -19.51 24.21
C GLN A 27 21.80 -18.17 23.58
N ARG A 28 20.60 -17.69 23.92
CA ARG A 28 20.14 -16.35 23.52
C ARG A 28 21.01 -15.23 24.09
N SER A 29 21.09 -14.09 23.43
CA SER A 29 21.75 -12.90 23.94
C SER A 29 21.10 -11.61 23.42
N VAL A 30 21.29 -10.49 24.12
CA VAL A 30 20.77 -9.18 23.73
C VAL A 30 21.89 -8.26 23.26
N PHE A 31 21.71 -7.60 22.13
CA PHE A 31 22.69 -6.62 21.62
C PHE A 31 22.03 -5.57 20.75
N ASN A 32 22.71 -4.46 20.52
CA ASN A 32 22.23 -3.38 19.69
C ASN A 32 22.71 -3.56 18.24
N ARG A 33 21.80 -3.55 17.29
CA ARG A 33 22.04 -3.76 15.84
C ARG A 33 21.73 -2.49 15.07
N SER A 34 22.20 -1.35 15.56
CA SER A 34 22.05 -0.05 14.92
C SER A 34 22.61 0.00 13.51
N SER A 35 21.96 0.71 12.60
CA SER A 35 22.41 0.92 11.23
C SER A 35 21.94 2.25 10.66
N GLY A 36 22.76 2.93 9.86
CA GLY A 36 22.38 4.12 9.10
C GLY A 36 22.06 3.81 7.63
N TYR A 37 21.18 4.57 7.01
CA TYR A 37 20.82 4.45 5.61
C TYR A 37 20.55 5.84 5.03
N LYS A 38 21.10 6.17 3.87
CA LYS A 38 21.01 7.50 3.25
C LYS A 38 20.56 7.36 1.82
N THR A 39 19.65 8.20 1.37
CA THR A 39 19.05 8.03 0.04
C THR A 39 18.42 9.29 -0.52
N THR A 40 18.09 9.28 -1.80
CA THR A 40 17.26 10.29 -2.45
C THR A 40 16.04 9.66 -3.09
N PHE A 41 14.88 10.26 -2.95
CA PHE A 41 13.64 9.73 -3.51
C PHE A 41 12.63 10.83 -3.87
N ASP A 42 11.63 10.46 -4.64
CA ASP A 42 10.53 11.31 -5.10
C ASP A 42 9.20 10.89 -4.50
N ALA A 43 8.24 11.79 -4.40
CA ALA A 43 6.94 11.54 -3.80
C ALA A 43 6.10 10.47 -4.52
N GLY A 44 5.20 9.82 -3.78
CA GLY A 44 4.29 8.80 -4.25
C GLY A 44 4.83 7.38 -4.36
N TYR A 45 6.12 7.15 -4.48
CA TYR A 45 6.69 5.81 -4.50
C TYR A 45 6.80 5.19 -3.11
N LEU A 46 6.66 3.86 -3.03
CA LEU A 46 6.98 3.07 -1.86
C LEU A 46 8.46 2.70 -1.92
N ILE A 47 9.28 3.30 -1.07
CA ILE A 47 10.74 3.10 -1.05
C ILE A 47 11.11 2.14 0.07
N PRO A 48 11.74 0.99 -0.20
CA PRO A 48 12.18 0.09 0.86
C PRO A 48 13.48 0.57 1.52
N VAL A 49 13.37 1.32 2.63
CA VAL A 49 14.51 1.94 3.31
C VAL A 49 15.15 1.05 4.36
N PHE A 50 14.41 0.08 4.88
CA PHE A 50 14.88 -0.84 5.90
C PHE A 50 14.59 -2.24 5.43
N LEU A 51 15.59 -3.11 5.55
CA LEU A 51 15.45 -4.53 5.27
C LEU A 51 16.31 -5.29 6.27
N ASP A 52 15.75 -6.32 6.91
CA ASP A 52 16.52 -7.20 7.77
C ASP A 52 15.93 -8.61 7.82
N GLU A 53 16.73 -9.57 8.26
CA GLU A 53 16.33 -10.97 8.40
C GLU A 53 16.18 -11.32 9.88
N ALA A 54 15.00 -11.77 10.27
CA ALA A 54 14.68 -12.23 11.60
C ALA A 54 14.66 -13.77 11.65
N LEU A 55 15.31 -14.34 12.66
CA LEU A 55 15.31 -15.76 12.98
C LEU A 55 14.08 -16.13 13.81
N PRO A 56 13.71 -17.42 13.86
CA PRO A 56 12.79 -17.92 14.86
C PRO A 56 13.33 -17.61 16.26
N GLY A 57 12.49 -17.09 17.14
CA GLY A 57 12.88 -16.73 18.50
C GLY A 57 13.67 -15.43 18.64
N ASP A 58 13.85 -14.65 17.57
CA ASP A 58 14.25 -13.25 17.73
C ASP A 58 13.16 -12.44 18.44
N THR A 59 13.57 -11.39 19.12
CA THR A 59 12.72 -10.25 19.46
C THR A 59 13.41 -8.98 19.01
N PHE A 60 12.74 -8.12 18.27
CA PHE A 60 13.25 -6.81 17.88
C PHE A 60 12.43 -5.71 18.52
N HIS A 61 13.10 -4.72 19.11
CA HIS A 61 12.52 -3.42 19.41
C HIS A 61 13.20 -2.38 18.54
N LEU A 62 12.46 -1.65 17.72
CA LEU A 62 13.01 -0.71 16.75
C LEU A 62 12.65 0.73 17.09
N LYS A 63 13.65 1.60 17.22
CA LYS A 63 13.51 3.07 17.18
C LYS A 63 14.06 3.59 15.85
N THR A 64 13.33 4.42 15.14
CA THR A 64 13.81 5.07 13.91
C THR A 64 13.97 6.57 14.12
N SER A 65 15.12 7.12 13.79
CA SER A 65 15.33 8.56 13.64
C SER A 65 15.34 8.90 12.16
N VAL A 66 14.65 9.96 11.74
CA VAL A 66 14.69 10.43 10.35
C VAL A 66 15.06 11.91 10.30
N LEU A 67 15.86 12.29 9.33
CA LEU A 67 15.95 13.65 8.84
C LEU A 67 15.79 13.62 7.32
N ALA A 68 14.70 14.14 6.79
CA ALA A 68 14.50 14.31 5.37
C ALA A 68 14.47 15.80 5.02
N ARG A 69 15.23 16.20 4.01
CA ARG A 69 15.25 17.56 3.49
C ARG A 69 14.60 17.57 2.12
N LEU A 70 13.63 18.45 1.96
CA LEU A 70 13.03 18.77 0.67
C LEU A 70 13.98 19.69 -0.09
N SER A 71 14.28 19.39 -1.36
CA SER A 71 15.04 20.30 -2.20
C SER A 71 14.26 21.61 -2.41
N THR A 72 14.95 22.73 -2.62
CA THR A 72 14.42 24.04 -2.26
C THR A 72 13.13 24.44 -3.00
N PRO A 73 12.03 24.76 -2.30
CA PRO A 73 10.80 25.28 -2.89
C PRO A 73 10.96 26.72 -3.40
N VAL A 74 10.11 27.17 -4.32
CA VAL A 74 10.11 28.56 -4.79
C VAL A 74 9.48 29.51 -3.75
N VAL A 75 8.41 29.07 -3.10
CA VAL A 75 7.57 29.84 -2.18
C VAL A 75 7.11 28.92 -1.06
N PRO A 76 6.62 29.42 0.08
CA PRO A 76 6.03 28.57 1.11
C PRO A 76 4.65 28.06 0.67
N PHE A 77 4.62 27.08 -0.23
CA PHE A 77 3.38 26.55 -0.80
C PHE A 77 2.44 26.02 0.29
N MET A 78 1.14 26.20 0.08
CA MET A 78 0.17 26.13 1.17
C MET A 78 -0.25 24.72 1.61
N ASP A 79 0.07 23.69 0.83
CA ASP A 79 -0.40 22.32 1.07
C ASP A 79 0.48 21.48 1.98
N ASN A 80 -0.16 20.75 2.87
CA ASN A 80 0.45 19.78 3.76
C ASN A 80 0.95 18.56 3.02
N LEU A 81 1.99 17.94 3.58
CA LEU A 81 2.83 16.97 2.92
C LEU A 81 3.45 16.06 3.99
N ARG A 82 2.93 14.84 4.16
CA ARG A 82 3.38 13.90 5.21
C ARG A 82 4.44 12.98 4.64
N LEU A 83 5.48 12.75 5.42
CA LEU A 83 6.42 11.66 5.27
C LEU A 83 5.97 10.53 6.18
N ASP A 84 5.98 9.29 5.73
CA ASP A 84 5.66 8.17 6.61
C ASP A 84 6.42 6.90 6.28
N ILE A 85 6.51 6.05 7.31
CA ILE A 85 7.29 4.82 7.34
C ILE A 85 6.40 3.73 7.92
N GLN A 86 6.26 2.61 7.23
CA GLN A 86 5.44 1.47 7.64
C GLN A 86 6.27 0.19 7.58
N TYR A 87 6.22 -0.66 8.60
CA TYR A 87 7.05 -1.86 8.66
C TYR A 87 6.21 -3.11 8.58
N PHE A 88 6.68 -4.11 7.84
CA PHE A 88 6.00 -5.37 7.61
C PHE A 88 6.92 -6.55 7.88
N SER A 89 6.36 -7.61 8.43
CA SER A 89 6.95 -8.92 8.56
C SER A 89 6.51 -9.78 7.39
N VAL A 90 7.45 -10.48 6.76
CA VAL A 90 7.20 -11.39 5.64
C VAL A 90 7.90 -12.72 5.87
N PRO A 91 7.22 -13.78 6.31
CA PRO A 91 7.80 -15.09 6.43
C PRO A 91 8.33 -15.60 5.08
N TYR A 92 9.47 -16.28 5.07
CA TYR A 92 10.09 -16.72 3.82
C TYR A 92 9.19 -17.69 3.06
N ARG A 93 8.41 -18.52 3.76
CA ARG A 93 7.47 -19.44 3.12
C ARG A 93 6.35 -18.78 2.32
N LEU A 94 6.09 -17.48 2.51
CA LEU A 94 5.17 -16.75 1.67
C LEU A 94 5.75 -16.35 0.30
N VAL A 95 7.08 -16.33 0.13
CA VAL A 95 7.76 -15.82 -1.07
C VAL A 95 8.51 -16.88 -1.85
N TRP A 96 8.64 -18.09 -1.32
CA TRP A 96 9.23 -19.21 -2.03
C TRP A 96 8.59 -20.52 -1.58
N ASP A 97 7.95 -21.22 -2.49
CA ASP A 97 7.25 -22.48 -2.17
C ASP A 97 8.17 -23.57 -1.66
N ASN A 98 9.42 -23.62 -2.11
CA ASN A 98 10.35 -24.62 -1.64
C ASN A 98 11.06 -24.25 -0.35
N TRP A 99 10.76 -23.13 0.32
CA TRP A 99 11.44 -22.75 1.56
C TRP A 99 11.43 -23.83 2.64
N GLN A 100 10.32 -24.54 2.83
CA GLN A 100 10.26 -25.58 3.84
C GLN A 100 11.13 -26.78 3.44
N LYS A 101 11.10 -27.15 2.16
CA LYS A 101 11.87 -28.26 1.60
C LYS A 101 13.35 -27.94 1.52
N PHE A 102 13.73 -26.68 1.32
CA PHE A 102 15.09 -26.18 1.45
C PHE A 102 15.63 -26.42 2.85
N ASN A 103 14.82 -26.14 3.87
CA ASN A 103 15.14 -26.38 5.28
C ASN A 103 15.10 -27.86 5.69
N GLY A 104 14.84 -28.79 4.75
CA GLY A 104 14.94 -30.22 5.00
C GLY A 104 13.62 -30.97 5.14
N GLU A 105 12.47 -30.33 4.94
CA GLU A 105 11.20 -31.04 4.83
C GLU A 105 11.16 -31.92 3.58
N GLN A 106 10.59 -33.12 3.70
CA GLN A 106 10.47 -34.09 2.61
C GLN A 106 9.00 -34.51 2.45
N LYS A 107 8.47 -34.47 1.23
CA LYS A 107 7.09 -34.86 0.94
C LYS A 107 6.93 -36.39 1.06
N ASN A 108 7.93 -37.13 0.62
CA ASN A 108 8.07 -38.57 0.81
C ASN A 108 9.47 -38.92 1.35
N PRO A 109 9.64 -40.03 2.09
CA PRO A 109 10.94 -40.41 2.61
C PRO A 109 12.01 -40.52 1.53
N GLY A 110 13.18 -39.94 1.76
CA GLY A 110 14.28 -39.94 0.79
C GLY A 110 14.18 -38.93 -0.36
N ASP A 111 13.26 -37.97 -0.33
CA ASP A 111 13.24 -36.84 -1.28
C ASP A 111 14.53 -36.03 -1.24
N SER A 112 14.87 -35.39 -2.36
CA SER A 112 16.20 -34.79 -2.54
C SER A 112 16.54 -33.69 -1.54
N THR A 113 15.56 -32.88 -1.15
CA THR A 113 15.82 -31.52 -0.63
C THR A 113 16.82 -30.82 -1.56
N ASP A 114 17.84 -30.13 -1.05
CA ASP A 114 18.96 -29.59 -1.83
C ASP A 114 18.55 -28.60 -2.94
N TYR A 115 17.62 -27.73 -2.61
CA TYR A 115 17.24 -26.55 -3.39
C TYR A 115 18.26 -25.42 -3.22
N LEU A 116 18.22 -24.43 -4.12
CA LEU A 116 18.99 -23.19 -4.03
C LEU A 116 18.07 -21.98 -4.00
N ILE A 117 18.44 -20.96 -3.25
CA ILE A 117 17.69 -19.69 -3.15
C ILE A 117 17.49 -19.10 -4.55
N PRO A 118 16.25 -18.81 -4.99
CA PRO A 118 15.97 -18.21 -6.28
C PRO A 118 16.74 -16.91 -6.51
N GLN A 119 17.13 -16.63 -7.74
CA GLN A 119 18.05 -15.53 -8.08
C GLN A 119 17.42 -14.56 -9.06
N ILE A 120 17.80 -13.29 -8.97
CA ILE A 120 17.65 -12.29 -10.03
C ILE A 120 19.05 -11.97 -10.54
N LYS A 121 19.31 -12.16 -11.83
CA LYS A 121 20.50 -11.62 -12.48
C LYS A 121 20.31 -10.15 -12.83
N ALA A 122 21.37 -9.37 -12.71
CA ALA A 122 21.41 -8.00 -13.20
C ALA A 122 21.19 -7.97 -14.72
N PRO A 123 20.37 -7.05 -15.26
CA PRO A 123 20.17 -6.93 -16.69
C PRO A 123 21.41 -6.33 -17.37
N ALA A 124 21.42 -6.31 -18.70
CA ALA A 124 22.46 -5.64 -19.46
C ALA A 124 22.64 -4.18 -19.00
N GLY A 125 23.86 -3.79 -18.64
CA GLY A 125 24.19 -2.49 -18.05
C GLY A 125 24.12 -2.43 -16.53
N GLY A 126 23.81 -3.54 -15.85
CA GLY A 126 23.56 -3.58 -14.42
C GLY A 126 22.20 -3.02 -14.03
N PHE A 127 21.79 -3.22 -12.78
CA PHE A 127 20.56 -2.61 -12.28
C PHE A 127 20.65 -1.07 -12.36
N PRO A 128 19.59 -0.36 -12.79
CA PRO A 128 19.60 1.09 -12.94
C PRO A 128 19.29 1.83 -11.65
N VAL A 129 19.66 3.11 -11.60
CA VAL A 129 19.32 4.02 -10.49
C VAL A 129 17.81 4.15 -10.33
N GLY A 130 17.33 4.22 -9.09
CA GLY A 130 15.91 4.37 -8.76
C GLY A 130 15.09 3.09 -8.96
N SER A 131 15.74 1.95 -9.20
CA SER A 131 15.10 0.64 -9.17
C SER A 131 15.01 0.09 -7.74
N LEU A 132 14.27 -1.01 -7.54
CA LEU A 132 14.32 -1.70 -6.25
C LEU A 132 15.71 -2.17 -5.85
N ALA A 133 16.53 -2.61 -6.80
CA ALA A 133 17.88 -3.06 -6.50
C ALA A 133 18.70 -1.90 -5.91
N ASP A 134 18.56 -0.71 -6.49
CA ASP A 134 19.18 0.49 -5.94
C ASP A 134 18.72 0.74 -4.51
N TYR A 135 17.41 0.79 -4.26
CA TYR A 135 16.89 1.14 -2.95
C TYR A 135 17.14 0.08 -1.88
N PHE A 136 17.15 -1.21 -2.20
CA PHE A 136 17.64 -2.22 -1.26
C PHE A 136 19.16 -2.17 -1.04
N GLY A 137 19.90 -1.42 -1.85
CA GLY A 137 21.33 -1.23 -1.69
C GLY A 137 22.21 -2.24 -2.43
N VAL A 138 21.67 -2.93 -3.44
CA VAL A 138 22.45 -3.67 -4.42
C VAL A 138 23.17 -2.68 -5.36
N PRO A 139 24.48 -2.79 -5.60
CA PRO A 139 25.21 -1.77 -6.36
C PRO A 139 24.74 -1.69 -7.80
N THR A 140 24.34 -0.50 -8.22
CA THR A 140 23.85 -0.21 -9.58
C THR A 140 25.00 -0.12 -10.58
N GLY A 141 24.72 -0.35 -11.86
CA GLY A 141 25.71 -0.18 -12.93
C GLY A 141 26.77 -1.28 -13.07
N VAL A 142 26.68 -2.38 -12.33
CA VAL A 142 27.65 -3.50 -12.37
C VAL A 142 27.06 -4.64 -13.20
N GLU A 143 27.81 -5.19 -14.15
CA GLU A 143 27.24 -5.92 -15.28
C GLU A 143 26.67 -7.32 -14.96
N ASN A 144 27.39 -8.16 -14.20
CA ASN A 144 27.17 -9.61 -14.18
C ASN A 144 26.63 -10.20 -12.87
N ILE A 145 26.41 -9.38 -11.85
CA ILE A 145 26.05 -9.84 -10.51
C ILE A 145 24.65 -10.48 -10.47
N SER A 146 24.39 -11.30 -9.45
CA SER A 146 23.04 -11.76 -9.10
C SER A 146 22.79 -11.65 -7.60
N VAL A 147 21.53 -11.51 -7.23
CA VAL A 147 21.07 -11.40 -5.85
C VAL A 147 19.87 -12.31 -5.64
N SER A 148 19.53 -12.65 -4.41
CA SER A 148 18.33 -13.45 -4.13
C SER A 148 17.05 -12.70 -4.52
N ALA A 149 16.04 -13.41 -5.03
CA ALA A 149 14.78 -12.81 -5.44
C ALA A 149 13.82 -12.56 -4.27
N LEU A 150 14.01 -13.24 -3.15
CA LEU A 150 13.07 -13.26 -2.03
C LEU A 150 12.77 -11.87 -1.44
N PRO A 151 13.72 -10.93 -1.30
CA PRO A 151 13.42 -9.56 -0.92
C PRO A 151 12.52 -8.82 -1.93
N PHE A 152 12.71 -9.05 -3.22
CA PHE A 152 11.91 -8.43 -4.26
C PHE A 152 10.50 -9.00 -4.29
N ARG A 153 10.36 -10.33 -4.15
CA ARG A 153 9.07 -10.99 -4.01
C ARG A 153 8.33 -10.52 -2.76
N ALA A 154 9.05 -10.30 -1.66
CA ALA A 154 8.47 -9.75 -0.45
C ALA A 154 7.92 -8.34 -0.66
N TYR A 155 8.59 -7.49 -1.45
CA TYR A 155 8.03 -6.19 -1.81
C TYR A 155 6.74 -6.33 -2.63
N ASN A 156 6.70 -7.17 -3.66
CA ASN A 156 5.46 -7.36 -4.42
C ASN A 156 4.33 -7.94 -3.57
N LEU A 157 4.61 -8.90 -2.69
CA LEU A 157 3.63 -9.47 -1.78
C LEU A 157 3.06 -8.43 -0.80
N ILE A 158 3.88 -7.55 -0.23
CA ILE A 158 3.39 -6.45 0.59
C ILE A 158 2.50 -5.55 -0.25
N TYR A 159 2.91 -5.20 -1.46
CA TYR A 159 2.13 -4.36 -2.34
C TYR A 159 0.74 -4.93 -2.63
N ASN A 160 0.65 -6.19 -3.05
CA ASN A 160 -0.60 -6.85 -3.35
C ASN A 160 -1.56 -6.89 -2.16
N GLU A 161 -1.05 -7.09 -0.95
CA GLU A 161 -1.88 -7.28 0.24
C GLU A 161 -2.24 -6.00 0.97
N TRP A 162 -1.46 -4.93 0.87
CA TRP A 162 -1.63 -3.75 1.70
C TRP A 162 -1.77 -2.43 0.94
N TYR A 163 -1.29 -2.33 -0.30
CA TYR A 163 -1.26 -1.05 -1.01
C TYR A 163 -2.06 -1.06 -2.30
N ARG A 164 -2.12 -2.20 -2.99
CA ARG A 164 -2.88 -2.36 -4.21
C ARG A 164 -4.36 -2.10 -3.93
N ASP A 165 -5.00 -1.27 -4.73
CA ASP A 165 -6.45 -1.20 -4.73
C ASP A 165 -7.05 -2.49 -5.31
N GLU A 166 -7.86 -3.18 -4.52
CA GLU A 166 -8.41 -4.50 -4.81
C GLU A 166 -9.24 -4.56 -6.12
N ASN A 167 -9.71 -3.44 -6.66
CA ASN A 167 -10.61 -3.42 -7.81
C ASN A 167 -10.17 -2.53 -8.98
N LEU A 168 -9.25 -1.58 -8.79
CA LEU A 168 -8.69 -0.79 -9.90
C LEU A 168 -7.39 -1.34 -10.47
N ILE A 169 -6.58 -2.05 -9.69
CA ILE A 169 -5.20 -2.39 -10.03
C ILE A 169 -4.98 -3.89 -10.02
N ASN A 170 -4.32 -4.42 -11.06
CA ASN A 170 -3.93 -5.82 -11.16
C ASN A 170 -2.82 -6.19 -10.18
N SER A 171 -2.83 -7.41 -9.66
CA SER A 171 -1.78 -7.91 -8.78
C SER A 171 -0.41 -7.81 -9.44
N ALA A 172 0.57 -7.28 -8.71
CA ALA A 172 1.97 -7.38 -9.07
C ALA A 172 2.36 -8.87 -9.17
N PRO A 173 3.16 -9.29 -10.17
CA PRO A 173 3.49 -10.69 -10.35
C PRO A 173 4.28 -11.21 -9.15
N LEU A 174 3.95 -12.40 -8.68
CA LEU A 174 4.57 -13.01 -7.50
C LEU A 174 4.88 -14.47 -7.82
N PRO A 175 5.96 -14.72 -8.58
CA PRO A 175 6.39 -16.08 -8.84
C PRO A 175 6.89 -16.69 -7.54
N LEU A 176 6.40 -17.87 -7.18
CA LEU A 176 6.78 -18.56 -5.95
C LEU A 176 7.80 -19.67 -6.15
N GLY A 177 8.12 -20.04 -7.39
CA GLY A 177 9.05 -21.12 -7.73
C GLY A 177 10.54 -20.76 -7.68
N ASP A 178 11.35 -21.68 -8.18
CA ASP A 178 12.82 -21.61 -8.16
C ASP A 178 13.45 -20.80 -9.30
N GLU A 179 12.68 -20.41 -10.30
CA GLU A 179 13.20 -19.94 -11.59
C GLU A 179 14.02 -18.64 -11.49
N GLU A 180 15.21 -18.62 -12.11
CA GLU A 180 16.03 -17.41 -12.19
C GLU A 180 15.38 -16.33 -13.05
N GLU A 181 15.27 -15.12 -12.53
CA GLU A 181 14.85 -13.92 -13.28
C GLU A 181 16.05 -13.23 -13.91
N THR A 182 15.83 -12.42 -14.94
CA THR A 182 16.85 -11.49 -15.44
C THR A 182 16.24 -10.11 -15.62
N GLY A 183 16.81 -9.10 -14.95
CA GLY A 183 16.21 -7.79 -14.85
C GLY A 183 14.99 -7.71 -13.91
N LEU A 184 14.58 -6.47 -13.60
CA LEU A 184 13.51 -6.16 -12.65
C LEU A 184 12.16 -5.90 -13.34
N ALA A 185 11.88 -6.52 -14.48
CA ALA A 185 10.65 -6.30 -15.23
C ALA A 185 9.39 -6.75 -14.48
N ASN A 186 9.50 -7.79 -13.65
CA ASN A 186 8.49 -8.20 -12.67
C ASN A 186 8.54 -7.43 -11.35
N PHE A 187 9.52 -6.55 -11.14
CA PHE A 187 9.74 -5.87 -9.86
C PHE A 187 9.98 -4.36 -10.05
N PRO A 188 9.04 -3.61 -10.64
CA PRO A 188 9.12 -2.16 -10.69
C PRO A 188 8.90 -1.54 -9.32
N LEU A 189 9.41 -0.34 -9.11
CA LEU A 189 9.10 0.45 -7.93
C LEU A 189 7.64 0.91 -7.98
N ARG A 190 6.84 0.65 -6.95
CA ARG A 190 5.38 0.84 -6.95
C ARG A 190 4.98 2.20 -6.38
N LYS A 191 3.90 2.78 -6.88
CA LYS A 191 3.29 3.99 -6.31
C LYS A 191 2.23 3.61 -5.30
N ARG A 192 2.17 4.35 -4.19
CA ARG A 192 1.09 4.29 -3.21
C ARG A 192 -0.18 4.93 -3.74
N ALA A 193 -1.36 4.53 -3.27
CA ALA A 193 -2.60 5.20 -3.61
C ALA A 193 -2.79 6.54 -2.86
N LYS A 194 -3.52 7.47 -3.46
CA LYS A 194 -3.98 8.73 -2.86
C LYS A 194 -4.86 8.48 -1.62
N ARG A 195 -4.93 9.45 -0.69
CA ARG A 195 -5.82 9.41 0.48
C ARG A 195 -7.27 9.14 0.10
N HIS A 196 -8.08 8.55 0.97
CA HIS A 196 -9.53 8.44 0.76
C HIS A 196 -10.21 9.81 0.79
N ASP A 197 -10.88 10.17 -0.28
CA ASP A 197 -11.78 11.30 -0.38
C ASP A 197 -13.00 10.95 -1.24
N TYR A 198 -13.79 11.96 -1.57
CA TYR A 198 -15.00 11.85 -2.38
C TYR A 198 -14.79 11.13 -3.72
N PHE A 199 -13.70 11.42 -4.42
CA PHE A 199 -13.37 10.79 -5.69
C PHE A 199 -12.58 9.52 -5.50
N THR A 200 -11.54 9.52 -4.70
CA THR A 200 -10.65 8.35 -4.59
C THR A 200 -11.27 7.17 -3.85
N SER A 201 -12.32 7.37 -3.07
CA SER A 201 -13.10 6.28 -2.47
C SER A 201 -14.33 5.89 -3.31
N ALA A 202 -14.49 6.45 -4.50
CA ALA A 202 -15.50 5.98 -5.44
C ALA A 202 -15.17 4.57 -5.93
N LEU A 203 -16.15 3.90 -6.52
CA LEU A 203 -16.02 2.53 -7.04
C LEU A 203 -16.45 2.46 -8.51
N PRO A 204 -15.97 1.51 -9.31
CA PRO A 204 -16.35 1.41 -10.72
C PRO A 204 -17.83 1.15 -10.98
N TRP A 205 -18.56 0.57 -10.03
CA TRP A 205 -19.93 0.10 -10.20
C TRP A 205 -20.71 0.20 -8.89
N PRO A 206 -22.06 0.17 -8.92
CA PRO A 206 -22.85 0.26 -7.71
C PRO A 206 -22.80 -1.01 -6.85
N GLN A 207 -22.36 -2.15 -7.39
CA GLN A 207 -22.12 -3.40 -6.68
C GLN A 207 -21.07 -4.24 -7.40
N LYS A 208 -20.44 -5.18 -6.68
CA LYS A 208 -19.29 -5.97 -7.14
C LYS A 208 -19.57 -6.85 -8.35
N GLY A 209 -20.71 -7.51 -8.38
CA GLY A 209 -21.13 -8.37 -9.48
C GLY A 209 -21.69 -7.61 -10.69
N GLU A 210 -22.46 -8.29 -11.53
CA GLU A 210 -23.11 -7.72 -12.72
C GLU A 210 -24.21 -6.71 -12.38
N GLY A 211 -24.74 -6.78 -11.16
CA GLY A 211 -25.99 -6.14 -10.76
C GLY A 211 -27.16 -7.08 -10.99
N VAL A 212 -28.03 -7.22 -9.99
CA VAL A 212 -29.16 -8.14 -10.05
C VAL A 212 -30.30 -7.52 -10.83
N GLU A 213 -30.68 -8.13 -11.95
CA GLU A 213 -31.81 -7.70 -12.77
C GLU A 213 -32.88 -8.77 -12.77
N ILE A 214 -34.07 -8.44 -12.29
CA ILE A 214 -35.23 -9.31 -12.35
C ILE A 214 -35.71 -9.38 -13.81
N GLY A 215 -35.74 -10.58 -14.39
CA GLY A 215 -36.07 -10.76 -15.81
C GLY A 215 -37.51 -10.39 -16.17
N LEU A 216 -37.72 -9.83 -17.36
CA LEU A 216 -39.03 -9.44 -17.88
C LEU A 216 -39.43 -10.16 -19.19
N GLY A 217 -38.49 -10.79 -19.90
CA GLY A 217 -38.70 -11.33 -21.26
C GLY A 217 -38.79 -10.24 -22.33
N VAL A 218 -39.02 -10.61 -23.58
CA VAL A 218 -39.29 -9.67 -24.68
C VAL A 218 -40.22 -10.31 -25.75
N PRO A 219 -41.15 -9.55 -26.38
CA PRO A 219 -41.99 -10.08 -27.45
C PRO A 219 -41.19 -10.68 -28.61
N PRO A 220 -41.77 -11.67 -29.32
CA PRO A 220 -41.20 -12.21 -30.55
C PRO A 220 -41.14 -11.17 -31.67
N SER A 221 -40.40 -11.47 -32.73
CA SER A 221 -40.38 -10.66 -33.95
C SER A 221 -41.66 -10.86 -34.76
N GLU A 310 -42.05 -15.10 -34.17
CA GLU A 310 -40.99 -15.98 -33.63
C GLU A 310 -39.78 -15.24 -33.02
N GLY A 311 -38.98 -15.92 -32.18
CA GLY A 311 -37.71 -15.41 -31.66
C GLY A 311 -37.81 -14.41 -30.50
N GLY A 312 -38.82 -14.53 -29.64
CA GLY A 312 -38.95 -13.79 -28.38
C GLY A 312 -38.16 -14.42 -27.22
N GLU A 313 -38.28 -13.84 -26.02
CA GLU A 313 -37.76 -14.44 -24.77
C GLU A 313 -38.89 -14.62 -23.76
N VAL A 314 -39.10 -15.84 -23.27
CA VAL A 314 -40.19 -16.20 -22.35
C VAL A 314 -39.64 -16.23 -20.93
N VAL A 315 -40.27 -15.49 -20.04
CA VAL A 315 -39.97 -15.47 -18.61
C VAL A 315 -41.25 -15.74 -17.81
N ASP A 316 -41.11 -16.57 -16.78
CA ASP A 316 -42.20 -17.01 -15.90
C ASP A 316 -42.72 -15.87 -14.98
N ASN A 317 -43.85 -16.09 -14.31
CA ASN A 317 -44.33 -15.16 -13.29
C ASN A 317 -43.37 -15.08 -12.10
N LEU A 318 -43.18 -13.88 -11.55
CA LEU A 318 -42.32 -13.64 -10.40
C LEU A 318 -42.97 -14.13 -9.12
N THR A 319 -42.35 -15.09 -8.45
CA THR A 319 -42.71 -15.44 -7.07
C THR A 319 -42.13 -14.40 -6.11
N ILE A 320 -42.78 -14.16 -4.97
CA ILE A 320 -42.20 -13.29 -3.95
C ILE A 320 -40.89 -13.88 -3.45
N ASN A 321 -40.75 -15.22 -3.37
CA ASN A 321 -39.48 -15.83 -3.00
C ASN A 321 -38.34 -15.51 -3.96
N SER A 322 -38.59 -15.50 -5.27
CA SER A 322 -37.60 -15.06 -6.25
C SER A 322 -37.22 -13.60 -6.04
N LEU A 323 -38.21 -12.75 -5.78
CA LEU A 323 -38.03 -11.32 -5.62
C LEU A 323 -37.21 -10.96 -4.38
N ARG A 324 -37.50 -11.55 -3.22
CA ARG A 324 -36.68 -11.35 -2.01
C ARG A 324 -35.28 -11.94 -2.15
N GLN A 325 -35.12 -13.05 -2.87
CA GLN A 325 -33.79 -13.58 -3.17
C GLN A 325 -32.97 -12.59 -4.02
N ALA A 326 -33.58 -11.96 -5.01
CA ALA A 326 -32.92 -10.92 -5.80
C ALA A 326 -32.48 -9.74 -4.93
N PHE A 327 -33.32 -9.26 -4.01
CA PHE A 327 -32.94 -8.21 -3.06
C PHE A 327 -31.76 -8.61 -2.17
N GLN A 328 -31.80 -9.78 -1.54
CA GLN A 328 -30.70 -10.22 -0.68
C GLN A 328 -29.41 -10.52 -1.44
N LEU A 329 -29.48 -11.01 -2.68
CA LEU A 329 -28.30 -11.11 -3.54
C LEU A 329 -27.71 -9.73 -3.82
N GLN A 330 -28.52 -8.72 -4.13
CA GLN A 330 -28.01 -7.37 -4.35
C GLN A 330 -27.34 -6.83 -3.09
N ARG A 331 -27.91 -7.03 -1.89
CA ARG A 331 -27.29 -6.66 -0.62
C ARG A 331 -25.93 -7.31 -0.43
N LEU A 332 -25.78 -8.57 -0.80
CA LEU A 332 -24.52 -9.30 -0.73
C LEU A 332 -23.47 -8.67 -1.65
N LEU A 333 -23.82 -8.34 -2.89
CA LEU A 333 -22.89 -7.76 -3.86
C LEU A 333 -22.52 -6.32 -3.52
N GLU A 334 -23.42 -5.58 -2.88
CA GLU A 334 -23.15 -4.25 -2.36
C GLU A 334 -22.21 -4.30 -1.16
N ARG A 335 -22.41 -5.24 -0.22
CA ARG A 335 -21.48 -5.50 0.88
C ARG A 335 -20.08 -5.87 0.36
N ASP A 336 -19.97 -6.66 -0.70
CA ASP A 336 -18.69 -6.97 -1.35
C ASP A 336 -18.01 -5.76 -1.97
N ALA A 337 -18.75 -4.86 -2.62
CA ALA A 337 -18.19 -3.65 -3.18
C ALA A 337 -17.69 -2.71 -2.09
N ARG A 338 -18.55 -2.39 -1.14
CA ARG A 338 -18.26 -1.51 -0.03
C ARG A 338 -17.16 -2.05 0.86
N GLY A 339 -17.23 -3.32 1.25
CA GLY A 339 -16.33 -3.93 2.23
C GLY A 339 -14.99 -4.41 1.70
N GLY A 340 -14.87 -4.69 0.40
CA GLY A 340 -13.72 -5.38 -0.17
C GLY A 340 -13.94 -6.89 -0.34
N THR A 341 -13.04 -7.54 -1.07
CA THR A 341 -13.17 -8.94 -1.49
C THR A 341 -11.91 -9.79 -1.30
N ARG A 342 -10.82 -9.27 -0.72
CA ARG A 342 -9.79 -10.16 -0.16
C ARG A 342 -10.43 -11.03 0.92
N TYR A 343 -9.96 -12.25 1.15
CA TYR A 343 -10.65 -13.16 2.06
C TYR A 343 -10.77 -12.62 3.49
N ILE A 344 -9.76 -11.89 3.97
CA ILE A 344 -9.84 -11.18 5.25
C ILE A 344 -10.88 -10.05 5.26
N GLU A 345 -11.05 -9.31 4.17
CA GLU A 345 -12.08 -8.27 4.04
C GLU A 345 -13.48 -8.88 4.04
N ILE A 346 -13.66 -10.04 3.37
CA ILE A 346 -14.93 -10.76 3.38
C ILE A 346 -15.28 -11.15 4.80
N ILE A 347 -14.37 -11.76 5.53
CA ILE A 347 -14.61 -12.20 6.89
C ILE A 347 -14.97 -11.00 7.76
N ARG A 348 -14.21 -9.91 7.70
CA ARG A 348 -14.47 -8.70 8.50
C ARG A 348 -15.75 -7.96 8.12
N SER A 349 -16.23 -8.05 6.88
CA SER A 349 -17.42 -7.33 6.40
C SER A 349 -18.68 -8.15 6.54
N HIS A 350 -18.65 -9.45 6.22
CA HIS A 350 -19.81 -10.32 6.31
C HIS A 350 -20.03 -10.93 7.70
N PHE A 351 -19.00 -10.96 8.54
CA PHE A 351 -19.05 -11.47 9.90
C PHE A 351 -18.35 -10.50 10.86
N GLY A 352 -18.54 -10.62 12.16
CA GLY A 352 -17.95 -9.72 13.13
C GLY A 352 -16.45 -9.91 13.40
N VAL A 353 -15.77 -10.76 12.63
CA VAL A 353 -14.52 -11.41 13.03
C VAL A 353 -13.30 -10.66 12.53
N ILE A 354 -12.36 -10.37 13.42
CA ILE A 354 -11.04 -9.83 13.10
C ILE A 354 -10.04 -10.99 13.04
N SER A 355 -9.82 -11.58 11.87
CA SER A 355 -8.81 -12.63 11.71
C SER A 355 -7.41 -12.03 11.83
N PRO A 356 -6.46 -12.67 12.51
CA PRO A 356 -5.04 -12.36 12.37
C PRO A 356 -4.60 -12.47 10.90
N ASP A 357 -3.67 -11.62 10.46
CA ASP A 357 -3.10 -11.71 9.10
C ASP A 357 -2.24 -12.95 8.91
N ALA A 358 -1.51 -13.35 9.94
CA ALA A 358 -0.56 -14.44 9.89
C ALA A 358 -1.22 -15.77 9.49
N ARG A 359 -2.41 -16.09 10.03
CA ARG A 359 -3.10 -17.35 9.72
C ARG A 359 -3.75 -17.42 8.36
N VAL A 360 -3.92 -16.31 7.64
CA VAL A 360 -4.48 -16.24 6.27
C VAL A 360 -3.42 -16.00 5.19
N GLN A 361 -2.15 -16.21 5.52
CA GLN A 361 -1.01 -16.06 4.62
C GLN A 361 -0.84 -14.63 4.07
N ARG A 362 -0.95 -13.64 4.95
CA ARG A 362 -0.65 -12.23 4.67
C ARG A 362 0.56 -11.76 5.46
N PRO A 363 1.42 -10.89 4.89
CA PRO A 363 2.53 -10.35 5.67
C PRO A 363 2.00 -9.46 6.79
N GLU A 364 2.47 -9.60 8.02
CA GLU A 364 1.93 -8.83 9.15
C GLU A 364 2.41 -7.39 9.13
N TYR A 365 1.50 -6.45 9.38
CA TYR A 365 1.80 -5.03 9.49
C TYR A 365 2.25 -4.72 10.92
N LEU A 366 3.54 -4.49 11.12
CA LEU A 366 4.16 -4.43 12.45
C LEU A 366 3.96 -3.08 13.14
N GLY A 367 3.94 -2.00 12.39
CA GLY A 367 3.73 -0.67 12.92
C GLY A 367 3.99 0.42 11.89
N SER A 368 3.81 1.67 12.28
CA SER A 368 4.08 2.80 11.42
C SER A 368 4.40 4.06 12.20
N GLY A 369 5.03 5.00 11.52
CA GLY A 369 5.26 6.36 11.98
C GLY A 369 5.04 7.36 10.88
N SER A 370 4.81 8.61 11.23
CA SER A 370 4.70 9.68 10.26
C SER A 370 5.15 11.02 10.82
N PHE A 371 5.54 11.91 9.92
CA PHE A 371 6.11 13.21 10.22
C PHE A 371 5.53 14.24 9.23
N ASP A 372 5.28 15.47 9.67
CA ASP A 372 5.10 16.57 8.72
C ASP A 372 6.41 16.89 8.04
N ILE A 373 6.37 17.19 6.74
CA ILE A 373 7.39 18.02 6.13
C ILE A 373 6.99 19.47 6.40
N ASN A 374 7.64 20.09 7.38
CA ASN A 374 7.43 21.48 7.71
C ASN A 374 8.05 22.36 6.63
N ILE A 375 7.26 23.24 6.01
CA ILE A 375 7.73 24.24 5.05
C ILE A 375 7.86 25.56 5.79
N ASN A 376 9.08 26.08 5.89
CA ASN A 376 9.41 27.27 6.67
C ASN A 376 9.72 28.44 5.73
N PRO A 377 9.04 29.58 5.84
CA PRO A 377 9.34 30.79 5.10
C PRO A 377 10.75 31.32 5.31
N VAL A 378 11.35 31.90 4.28
CA VAL A 378 12.66 32.56 4.30
C VAL A 378 12.55 33.93 3.68
N LEU A 379 12.94 34.99 4.37
CA LEU A 379 12.95 36.35 3.83
C LEU A 379 14.17 36.62 2.96
N GLN A 380 13.96 37.24 1.81
CA GLN A 380 15.03 37.87 1.04
C GLN A 380 15.45 39.18 1.71
N ASN A 381 16.63 39.20 2.34
CA ASN A 381 17.26 40.41 2.88
C ASN A 381 18.17 41.12 1.86
N SER A 382 18.56 40.46 0.77
CA SER A 382 19.21 41.14 -0.35
C SER A 382 18.28 42.14 -1.02
N ALA A 383 18.84 43.20 -1.58
CA ALA A 383 18.12 44.29 -2.20
C ALA A 383 17.19 43.84 -3.34
N THR A 384 16.27 44.72 -3.74
CA THR A 384 15.39 44.50 -4.89
C THR A 384 16.19 44.25 -6.18
N THR A 385 15.68 43.36 -7.00
CA THR A 385 16.23 42.94 -8.30
C THR A 385 15.09 42.77 -9.29
N ASP A 386 15.39 42.64 -10.58
CA ASP A 386 14.38 42.23 -11.56
C ASP A 386 13.84 40.81 -11.29
N ALA A 387 14.68 39.94 -10.70
CA ALA A 387 14.26 38.59 -10.31
C ALA A 387 13.24 38.56 -9.17
N SER A 388 13.52 39.27 -8.07
CA SER A 388 12.70 39.28 -6.87
C SER A 388 12.98 40.51 -5.98
N PRO A 389 11.94 41.11 -5.39
CA PRO A 389 12.04 42.30 -4.56
C PRO A 389 12.58 41.99 -3.16
N GLN A 390 13.15 42.98 -2.48
CA GLN A 390 13.47 42.82 -1.05
C GLN A 390 12.18 42.54 -0.28
N GLY A 391 12.26 41.63 0.66
CA GLY A 391 11.10 41.17 1.43
C GLY A 391 10.32 40.05 0.75
N ASN A 392 10.74 39.60 -0.44
CA ASN A 392 10.20 38.39 -1.06
C ASN A 392 10.37 37.19 -0.12
N LEU A 393 9.48 36.22 -0.21
CA LEU A 393 9.34 35.14 0.74
C LEU A 393 9.51 33.78 0.06
N ALA A 394 10.73 33.27 0.08
CA ALA A 394 11.08 31.91 -0.31
C ALA A 394 10.74 30.90 0.81
N ALA A 395 11.18 29.64 0.68
CA ALA A 395 11.02 28.65 1.73
C ALA A 395 12.15 27.61 1.78
N TYR A 396 12.21 26.82 2.84
CA TYR A 396 12.91 25.53 2.86
C TYR A 396 12.05 24.49 3.57
N GLY A 397 12.22 23.22 3.23
CA GLY A 397 11.41 22.14 3.78
C GLY A 397 12.25 21.12 4.52
N VAL A 398 11.80 20.72 5.70
CA VAL A 398 12.49 19.73 6.52
C VAL A 398 11.50 18.91 7.31
N SER A 399 11.87 17.67 7.61
CA SER A 399 11.02 16.70 8.29
C SER A 399 11.87 15.77 9.12
N GLY A 400 11.33 15.23 10.19
CA GLY A 400 12.07 14.30 11.02
C GLY A 400 11.54 14.15 12.42
N GLY A 401 12.21 13.33 13.20
CA GLY A 401 11.85 12.99 14.57
C GLY A 401 12.30 11.58 14.92
N VAL A 402 11.81 11.06 16.04
CA VAL A 402 12.03 9.69 16.50
C VAL A 402 10.69 8.96 16.60
N ASN A 403 10.61 7.74 16.08
CA ASN A 403 9.33 7.06 15.84
C ASN A 403 8.82 6.15 16.97
N ARG A 404 9.69 5.41 17.66
CA ARG A 404 9.33 4.16 18.40
C ARG A 404 8.53 3.19 17.51
N GLY A 405 9.16 2.73 16.44
CA GLY A 405 8.53 2.06 15.31
C GLY A 405 7.69 0.83 15.66
N PHE A 406 8.31 -0.22 16.18
CA PHE A 406 7.60 -1.42 16.61
C PHE A 406 8.38 -2.21 17.66
N SER A 407 7.70 -3.10 18.36
CA SER A 407 8.31 -4.19 19.11
C SER A 407 7.61 -5.50 18.73
N HIS A 408 8.36 -6.55 18.39
CA HIS A 408 7.78 -7.80 17.90
C HIS A 408 8.70 -9.00 18.16
N SER A 409 8.14 -10.20 18.27
CA SER A 409 8.89 -11.45 18.36
C SER A 409 8.49 -12.43 17.27
N PHE A 410 9.48 -13.07 16.64
CA PHE A 410 9.29 -13.82 15.40
C PHE A 410 9.25 -15.32 15.66
N VAL A 411 8.20 -16.01 15.25
CA VAL A 411 8.06 -17.46 15.48
C VAL A 411 8.66 -18.32 14.37
N GLU A 412 9.11 -17.71 13.28
CA GLU A 412 9.64 -18.35 12.09
C GLU A 412 10.52 -17.37 11.32
N HIS A 413 11.31 -17.83 10.33
CA HIS A 413 12.17 -16.95 9.54
C HIS A 413 11.37 -15.92 8.75
N CYS A 414 11.69 -14.63 8.89
CA CYS A 414 10.98 -13.53 8.24
C CYS A 414 11.94 -12.46 7.73
N PHE A 415 11.61 -11.83 6.61
CA PHE A 415 12.11 -10.48 6.35
C PHE A 415 11.31 -9.48 7.17
N VAL A 416 11.97 -8.43 7.64
CA VAL A 416 11.30 -7.20 8.03
C VAL A 416 11.62 -6.16 6.99
N ILE A 417 10.61 -5.50 6.44
CA ILE A 417 10.75 -4.46 5.42
C ILE A 417 10.08 -3.20 5.90
N GLY A 418 10.78 -2.08 5.89
CA GLY A 418 10.25 -0.75 6.16
C GLY A 418 10.11 0.06 4.89
N LEU A 419 8.91 0.52 4.59
CA LEU A 419 8.59 1.26 3.38
C LEU A 419 8.34 2.71 3.71
N VAL A 420 9.11 3.62 3.14
CA VAL A 420 8.84 5.06 3.17
C VAL A 420 7.94 5.47 2.04
N SER A 421 7.05 6.41 2.29
CA SER A 421 6.38 7.15 1.23
C SER A 421 6.16 8.60 1.64
N VAL A 422 5.88 9.47 0.67
CA VAL A 422 5.41 10.84 0.92
C VAL A 422 4.09 11.03 0.21
N ARG A 423 3.11 11.62 0.89
CA ARG A 423 1.82 12.00 0.31
C ARG A 423 1.46 13.45 0.60
N ALA A 424 0.96 14.14 -0.42
CA ALA A 424 0.36 15.46 -0.33
C ALA A 424 -1.15 15.37 -0.04
N ASP A 425 -1.74 16.38 0.58
CA ASP A 425 -3.20 16.48 0.70
C ASP A 425 -3.86 16.84 -0.64
N LEU A 426 -5.15 16.52 -0.79
CA LEU A 426 -5.88 16.61 -2.05
C LEU A 426 -6.73 17.88 -2.14
N THR A 427 -6.70 18.51 -3.29
CA THR A 427 -7.44 19.73 -3.61
C THR A 427 -7.64 19.84 -5.11
N TYR A 428 -8.74 20.42 -5.56
CA TYR A 428 -9.23 20.34 -6.94
C TYR A 428 -9.48 21.71 -7.56
N GLN A 429 -9.35 21.81 -8.89
CA GLN A 429 -9.35 23.10 -9.60
C GLN A 429 -10.08 23.11 -10.95
N GLN A 430 -10.70 22.00 -11.31
CA GLN A 430 -11.43 21.76 -12.54
C GLN A 430 -12.73 21.03 -12.20
N GLY A 431 -13.82 21.25 -12.93
CA GLY A 431 -15.12 20.66 -12.59
C GLY A 431 -15.96 21.41 -11.54
N ILE A 432 -17.23 21.04 -11.48
CA ILE A 432 -18.33 21.79 -10.88
C ILE A 432 -18.70 21.17 -9.53
N PRO A 433 -18.75 21.93 -8.43
CA PRO A 433 -19.24 21.42 -7.16
C PRO A 433 -20.69 20.98 -7.29
N ARG A 434 -21.01 19.80 -6.78
CA ARG A 434 -22.29 19.13 -7.08
C ARG A 434 -23.53 19.94 -6.67
N MET A 435 -23.41 20.87 -5.74
CA MET A 435 -24.47 21.82 -5.37
C MET A 435 -24.94 22.76 -6.49
N PHE A 436 -24.10 23.06 -7.50
CA PHE A 436 -24.53 23.82 -8.68
C PHE A 436 -25.28 22.95 -9.68
N SER A 437 -25.12 21.64 -9.60
CA SER A 437 -25.66 20.67 -10.57
C SER A 437 -27.06 20.17 -10.24
N ARG A 438 -27.64 20.45 -9.06
CA ARG A 438 -29.00 20.03 -8.70
C ARG A 438 -30.03 20.68 -9.62
N GLN A 439 -31.08 19.98 -10.01
CA GLN A 439 -32.03 20.50 -11.02
C GLN A 439 -33.49 20.09 -10.80
N THR A 440 -33.74 19.03 -10.01
CA THR A 440 -35.05 18.42 -9.78
C THR A 440 -35.22 18.12 -8.29
N ARG A 441 -36.45 17.95 -7.79
CA ARG A 441 -36.71 17.83 -6.35
C ARG A 441 -35.90 16.73 -5.69
N PHE A 442 -35.73 15.58 -6.33
CA PHE A 442 -35.03 14.44 -5.76
C PHE A 442 -33.51 14.47 -5.93
N ASP A 443 -32.95 15.56 -6.46
CA ASP A 443 -31.52 15.87 -6.37
C ASP A 443 -31.14 16.50 -5.04
N PHE A 444 -32.10 17.02 -4.28
CA PHE A 444 -31.90 17.54 -2.93
C PHE A 444 -32.03 16.42 -1.91
N TYR A 445 -31.48 16.60 -0.72
CA TYR A 445 -31.64 15.63 0.37
C TYR A 445 -33.09 15.56 0.84
N TRP A 446 -33.61 14.34 0.95
CA TRP A 446 -34.87 14.03 1.61
C TRP A 446 -34.65 12.84 2.53
N PRO A 447 -35.17 12.83 3.76
CA PRO A 447 -34.96 11.72 4.67
C PRO A 447 -35.47 10.39 4.13
N ALA A 448 -36.61 10.35 3.44
CA ALA A 448 -37.12 9.13 2.82
C ALA A 448 -36.22 8.57 1.72
N LEU A 449 -35.30 9.39 1.18
CA LEU A 449 -34.29 8.98 0.23
C LEU A 449 -32.88 8.54 0.65
N ALA A 450 -32.56 8.57 1.94
CA ALA A 450 -31.19 8.50 2.42
C ALA A 450 -30.52 7.13 2.26
N HIS A 451 -31.30 6.07 2.12
CA HIS A 451 -30.83 4.69 1.99
C HIS A 451 -31.07 4.10 0.60
N LEU A 452 -31.21 4.93 -0.43
CA LEU A 452 -31.13 4.50 -1.83
C LEU A 452 -29.74 3.92 -2.16
N GLY A 453 -29.60 3.23 -3.29
CA GLY A 453 -28.32 2.70 -3.72
C GLY A 453 -27.29 3.78 -4.08
N GLU A 454 -26.06 3.37 -4.36
CA GLU A 454 -24.95 4.26 -4.72
C GLU A 454 -25.35 5.23 -5.84
N GLN A 455 -24.90 6.48 -5.76
CA GLN A 455 -25.12 7.51 -6.77
C GLN A 455 -23.90 7.65 -7.69
N ALA A 456 -24.11 8.08 -8.92
CA ALA A 456 -23.04 8.36 -9.85
C ALA A 456 -22.37 9.70 -9.57
N ILE A 457 -21.05 9.74 -9.46
CA ILE A 457 -20.26 10.95 -9.66
C ILE A 457 -20.20 11.18 -11.16
N LEU A 458 -20.66 12.33 -11.63
CA LEU A 458 -20.61 12.66 -13.05
C LEU A 458 -19.25 13.28 -13.41
N ASN A 459 -18.76 13.05 -14.63
CA ASN A 459 -17.44 13.55 -15.03
C ASN A 459 -17.27 15.05 -14.78
N LYS A 460 -18.31 15.86 -14.99
CA LYS A 460 -18.22 17.31 -14.75
C LYS A 460 -17.87 17.69 -13.33
N GLU A 461 -18.04 16.82 -12.34
CA GLU A 461 -17.68 17.10 -10.96
C GLU A 461 -16.18 17.14 -10.73
N ILE A 462 -15.40 16.52 -11.61
CA ILE A 462 -13.93 16.49 -11.54
C ILE A 462 -13.25 17.12 -12.75
N TYR A 463 -13.90 17.15 -13.92
CA TYR A 463 -13.34 17.70 -15.15
C TYR A 463 -14.43 18.08 -16.15
N ALA A 464 -15.01 19.26 -16.01
CA ALA A 464 -16.04 19.75 -16.94
C ALA A 464 -15.43 20.20 -18.27
N GLN A 465 -16.19 20.06 -19.36
CA GLN A 465 -15.78 20.39 -20.72
C GLN A 465 -16.90 21.01 -21.57
N GLY A 466 -18.16 20.81 -21.22
CA GLY A 466 -19.31 21.11 -22.08
C GLY A 466 -19.61 20.03 -23.15
N ASN A 467 -18.78 18.99 -23.26
CA ASN A 467 -19.05 17.82 -24.09
C ASN A 467 -20.13 16.92 -23.44
N ALA A 468 -20.77 16.05 -24.21
CA ALA A 468 -21.74 15.06 -23.70
C ALA A 468 -21.14 14.13 -22.64
N LYS A 469 -19.82 13.93 -22.68
CA LYS A 469 -19.01 13.20 -21.69
C LYS A 469 -19.20 13.70 -20.27
N ASP A 470 -19.53 14.96 -20.07
CA ASP A 470 -19.64 15.58 -18.75
C ASP A 470 -20.72 14.97 -17.85
N ASP A 471 -21.77 14.46 -18.48
CA ASP A 471 -22.92 13.81 -17.83
C ASP A 471 -22.81 12.29 -17.79
N GLU A 472 -21.69 11.74 -18.23
CA GLU A 472 -21.36 10.32 -18.07
C GLU A 472 -20.65 10.07 -16.75
N VAL A 473 -20.71 8.83 -16.27
CA VAL A 473 -20.30 8.44 -14.92
C VAL A 473 -18.79 8.29 -14.81
N PHE A 474 -18.20 8.95 -13.82
CA PHE A 474 -16.83 8.75 -13.40
C PHE A 474 -16.67 7.49 -12.55
N GLY A 475 -17.58 7.30 -11.60
CA GLY A 475 -17.62 6.23 -10.63
C GLY A 475 -18.80 6.39 -9.67
N TYR A 476 -18.96 5.49 -8.73
CA TYR A 476 -20.10 5.45 -7.82
C TYR A 476 -19.67 5.68 -6.39
N GLN A 477 -20.53 6.36 -5.64
CA GLN A 477 -20.25 6.86 -4.31
C GLN A 477 -21.55 6.82 -3.49
N GLU A 478 -21.50 6.86 -2.17
CA GLU A 478 -22.70 6.68 -1.36
C GLU A 478 -23.76 7.76 -1.60
N ARG A 479 -25.03 7.45 -1.37
CA ARG A 479 -26.15 8.37 -1.64
C ARG A 479 -26.00 9.65 -0.81
N TYR A 480 -26.18 10.81 -1.42
CA TYR A 480 -25.97 12.12 -0.81
C TYR A 480 -24.57 12.35 -0.24
N ALA A 481 -23.55 11.66 -0.75
CA ALA A 481 -22.18 11.83 -0.29
C ALA A 481 -21.71 13.28 -0.27
N GLU A 482 -22.14 14.11 -1.22
CA GLU A 482 -21.73 15.51 -1.32
C GLU A 482 -22.26 16.42 -0.21
N TYR A 483 -23.19 15.95 0.63
CA TYR A 483 -23.52 16.64 1.88
C TYR A 483 -22.54 16.30 3.00
N ARG A 484 -21.83 15.18 2.91
CA ARG A 484 -20.88 14.70 3.91
C ARG A 484 -19.44 15.08 3.57
N TYR A 485 -19.02 14.79 2.33
CA TYR A 485 -17.73 15.22 1.79
C TYR A 485 -17.80 16.68 1.33
N ARG A 486 -16.65 17.35 1.30
CA ARG A 486 -16.50 18.71 0.78
C ARG A 486 -15.09 18.85 0.23
N PRO A 487 -14.85 18.53 -1.06
CA PRO A 487 -13.50 18.59 -1.62
C PRO A 487 -12.93 20.01 -1.56
N SER A 488 -11.65 20.15 -1.21
CA SER A 488 -10.96 21.44 -1.14
C SER A 488 -10.76 22.02 -2.54
N GLN A 489 -10.76 23.35 -2.67
CA GLN A 489 -10.88 24.07 -3.94
C GLN A 489 -9.81 25.15 -4.15
N ILE A 490 -9.32 25.31 -5.38
CA ILE A 490 -8.50 26.43 -5.85
C ILE A 490 -9.37 27.30 -6.76
N THR A 491 -9.47 28.62 -6.54
CA THR A 491 -10.48 29.45 -7.23
C THR A 491 -9.93 30.57 -8.12
N GLY A 492 -8.92 31.32 -7.69
CA GLY A 492 -8.50 32.56 -8.35
C GLY A 492 -7.39 32.38 -9.40
N LYS A 493 -6.47 33.36 -9.46
CA LYS A 493 -5.24 33.31 -10.27
C LYS A 493 -4.34 32.11 -9.96
N LEU A 494 -4.57 31.44 -8.84
CA LEU A 494 -3.93 30.19 -8.44
C LEU A 494 -4.24 29.00 -9.37
N ARG A 495 -5.33 28.97 -10.13
CA ARG A 495 -5.64 27.81 -10.98
C ARG A 495 -4.57 27.59 -12.05
N SER A 496 -4.14 26.35 -12.28
CA SER A 496 -3.19 25.99 -13.33
C SER A 496 -3.68 26.22 -14.76
N THR A 497 -4.96 26.48 -14.94
CA THR A 497 -5.57 26.88 -16.21
C THR A 497 -5.38 28.38 -16.52
N ASP A 498 -5.02 29.22 -15.56
CA ASP A 498 -4.85 30.65 -15.81
C ASP A 498 -3.62 30.92 -16.72
N PRO A 499 -3.72 31.79 -17.74
CA PRO A 499 -2.58 32.11 -18.62
C PRO A 499 -1.36 32.68 -17.89
N GLN A 500 -1.53 33.28 -16.72
CA GLN A 500 -0.47 33.83 -15.86
C GLN A 500 -0.56 33.24 -14.45
N SER A 501 -0.78 31.93 -14.37
CA SER A 501 -1.08 31.19 -13.15
C SER A 501 -0.05 31.32 -12.02
N LEU A 502 -0.54 31.36 -10.79
CA LEU A 502 0.23 31.28 -9.56
C LEU A 502 0.29 29.87 -8.94
N ASP A 503 0.07 28.81 -9.72
CA ASP A 503 0.05 27.44 -9.22
C ASP A 503 1.37 26.90 -8.64
N VAL A 504 2.44 27.69 -8.64
CA VAL A 504 3.61 27.44 -7.79
C VAL A 504 3.26 27.43 -6.29
N TRP A 505 2.15 28.05 -5.89
CA TRP A 505 1.75 28.15 -4.49
C TRP A 505 1.07 26.92 -3.88
N HIS A 506 0.80 25.87 -4.64
CA HIS A 506 0.00 24.72 -4.20
C HIS A 506 0.27 23.47 -5.04
N LEU A 507 -0.16 22.30 -4.57
CA LEU A 507 0.08 20.99 -5.16
C LEU A 507 -1.18 20.36 -5.77
N ALA A 508 -2.19 21.14 -6.15
CA ALA A 508 -3.36 20.60 -6.84
C ALA A 508 -2.95 20.00 -8.19
N GLN A 509 -3.43 18.80 -8.51
CA GLN A 509 -3.21 18.19 -9.82
C GLN A 509 -3.91 18.98 -10.92
N ARG A 510 -3.29 19.05 -12.10
CA ARG A 510 -3.90 19.59 -13.31
C ARG A 510 -4.16 18.42 -14.25
N PHE A 511 -5.42 18.15 -14.55
CA PHE A 511 -5.76 17.17 -15.57
C PHE A 511 -5.69 17.84 -16.94
N ASP A 512 -4.89 17.28 -17.84
CA ASP A 512 -4.80 17.74 -19.22
C ASP A 512 -5.84 17.08 -20.13
N SER A 513 -6.48 16.01 -19.66
CA SER A 513 -7.57 15.29 -20.32
C SER A 513 -8.43 14.59 -19.28
N LEU A 514 -9.63 14.14 -19.64
CA LEU A 514 -10.61 13.56 -18.72
C LEU A 514 -10.05 12.39 -17.89
N PRO A 515 -9.89 12.51 -16.56
CA PRO A 515 -9.55 11.37 -15.72
C PRO A 515 -10.69 10.35 -15.70
N ALA A 516 -10.37 9.07 -15.89
CA ALA A 516 -11.25 7.96 -15.55
C ALA A 516 -10.90 7.39 -14.18
N LEU A 517 -11.83 6.73 -13.50
CA LEU A 517 -11.52 6.02 -12.27
C LEU A 517 -10.73 4.75 -12.62
N ASN A 518 -9.40 4.83 -12.55
CA ASN A 518 -8.46 3.78 -12.94
C ASN A 518 -7.12 3.92 -12.20
N GLN A 519 -6.16 3.07 -12.53
CA GLN A 519 -4.83 3.06 -11.94
C GLN A 519 -4.12 4.42 -12.01
N GLU A 520 -4.11 5.08 -13.17
CA GLU A 520 -3.48 6.38 -13.35
C GLU A 520 -4.08 7.46 -12.47
N PHE A 521 -5.39 7.42 -12.21
CA PHE A 521 -6.02 8.42 -11.36
C PHE A 521 -5.69 8.24 -9.88
N ILE A 522 -5.77 7.01 -9.34
CA ILE A 522 -5.63 6.81 -7.88
C ILE A 522 -4.18 6.73 -7.40
N GLU A 523 -3.20 6.46 -8.25
CA GLU A 523 -1.80 6.46 -7.82
C GLU A 523 -1.32 7.87 -7.44
N GLU A 524 -0.67 8.00 -6.28
CA GLU A 524 -0.17 9.27 -5.78
C GLU A 524 0.88 9.86 -6.71
N ASN A 525 0.65 11.09 -7.14
CA ASN A 525 1.42 11.75 -8.19
C ASN A 525 1.37 13.28 -8.03
N PRO A 526 1.89 13.85 -6.94
CA PRO A 526 1.85 15.29 -6.72
C PRO A 526 2.77 16.00 -7.72
N PRO A 527 2.43 17.21 -8.15
CA PRO A 527 3.14 17.95 -9.17
C PRO A 527 4.38 18.67 -8.62
N MET A 528 5.29 17.96 -7.95
CA MET A 528 6.45 18.53 -7.27
C MET A 528 7.34 19.36 -8.19
N LYS A 529 7.44 18.97 -9.46
CA LYS A 529 8.26 19.63 -10.46
C LYS A 529 7.96 21.13 -10.60
N ARG A 530 6.75 21.60 -10.27
CA ARG A 530 6.40 23.04 -10.38
C ARG A 530 6.60 23.87 -9.11
N VAL A 531 6.57 23.29 -7.92
CA VAL A 531 6.73 24.03 -6.64
C VAL A 531 8.18 24.15 -6.21
N LEU A 532 9.08 23.39 -6.84
CA LEU A 532 10.49 23.30 -6.53
C LEU A 532 11.34 24.15 -7.47
N ALA A 533 12.25 24.92 -6.91
CA ALA A 533 13.04 25.92 -7.62
C ALA A 533 14.08 25.28 -8.55
N VAL A 534 14.83 24.30 -8.05
CA VAL A 534 15.83 23.58 -8.83
C VAL A 534 15.16 22.49 -9.67
N GLN A 535 15.32 22.52 -10.99
CA GLN A 535 14.82 21.48 -11.88
C GLN A 535 15.81 20.31 -12.00
N ASP A 536 15.28 19.12 -12.20
CA ASP A 536 16.03 17.88 -12.41
C ASP A 536 17.04 17.58 -11.29
N GLU A 537 16.57 17.57 -10.05
CA GLU A 537 17.21 16.86 -8.93
C GLU A 537 16.14 16.21 -8.05
N PRO A 538 16.46 15.12 -7.33
CA PRO A 538 15.44 14.36 -6.60
C PRO A 538 14.80 15.19 -5.49
N GLN A 539 13.51 14.98 -5.28
CA GLN A 539 12.73 15.87 -4.45
C GLN A 539 13.18 15.82 -3.00
N PHE A 540 13.37 14.64 -2.42
CA PHE A 540 13.80 14.45 -1.04
C PHE A 540 15.19 13.86 -0.97
N ILE A 541 16.04 14.44 -0.12
CA ILE A 541 17.29 13.86 0.35
C ILE A 541 17.01 13.40 1.78
N MET A 542 17.27 12.15 2.12
CA MET A 542 16.96 11.62 3.43
C MET A 542 18.14 10.89 4.08
N ASP A 543 18.30 11.15 5.37
CA ASP A 543 19.15 10.45 6.30
C ASP A 543 18.25 9.70 7.27
N ALA A 544 18.41 8.39 7.41
CA ALA A 544 17.60 7.57 8.30
C ALA A 544 18.52 6.73 9.17
N PHE A 545 18.12 6.48 10.40
CA PHE A 545 18.88 5.68 11.34
C PHE A 545 17.96 4.75 12.13
N PHE A 546 18.31 3.49 12.15
CA PHE A 546 17.50 2.42 12.70
C PHE A 546 18.22 1.83 13.90
N ASP A 547 17.72 2.13 15.10
CA ASP A 547 18.25 1.61 16.35
C ASP A 547 17.45 0.39 16.80
N LEU A 548 17.95 -0.80 16.49
CA LEU A 548 17.41 -2.07 16.94
C LEU A 548 18.05 -2.50 18.25
N LYS A 549 17.23 -2.82 19.26
CA LYS A 549 17.59 -3.72 20.35
C LYS A 549 17.12 -5.10 19.93
N CYS A 550 18.04 -6.04 19.75
CA CYS A 550 17.71 -7.40 19.37
C CYS A 550 17.97 -8.34 20.52
N VAL A 551 17.05 -9.26 20.82
CA VAL A 551 17.38 -10.52 21.50
C VAL A 551 17.44 -11.56 20.40
N ARG A 552 18.55 -12.28 20.26
CA ARG A 552 18.77 -13.25 19.20
C ARG A 552 19.27 -14.59 19.73
N PRO A 553 18.98 -15.71 19.08
CA PRO A 553 19.43 -17.05 19.49
C PRO A 553 20.88 -17.33 19.09
N MET A 554 21.79 -16.43 19.41
CA MET A 554 23.23 -16.51 19.12
C MET A 554 24.02 -15.71 20.15
N PRO A 555 25.29 -16.03 20.43
CA PRO A 555 26.11 -15.24 21.33
C PRO A 555 26.50 -13.90 20.69
N VAL A 556 26.84 -12.90 21.51
CA VAL A 556 27.18 -11.55 21.03
C VAL A 556 28.49 -11.51 20.23
N TYR A 557 29.42 -12.39 20.58
CA TYR A 557 30.63 -12.67 19.83
C TYR A 557 30.83 -14.18 19.84
N SER A 558 31.14 -14.79 18.70
CA SER A 558 31.40 -16.23 18.64
C SER A 558 32.89 -16.50 18.53
N VAL A 559 33.46 -17.22 19.50
CA VAL A 559 34.83 -17.69 19.47
C VAL A 559 34.85 -19.08 18.84
N PRO A 560 35.69 -19.37 17.83
CA PRO A 560 35.80 -20.70 17.25
C PRO A 560 36.21 -21.74 18.29
N GLY A 561 35.58 -22.90 18.26
CA GLY A 561 35.85 -24.00 19.20
C GLY A 561 34.62 -24.88 19.41
N LEU A 562 34.64 -25.64 20.51
CA LEU A 562 33.49 -26.37 21.03
C LEU A 562 32.86 -27.36 20.01
N ILE A 563 33.58 -28.45 19.69
CA ILE A 563 33.24 -29.35 18.57
C ILE A 563 32.06 -30.28 18.89
N ASP A 564 32.11 -31.01 20.00
CA ASP A 564 31.00 -31.87 20.45
C ASP A 564 29.74 -31.04 20.78
N HIS A 565 29.93 -29.80 21.24
CA HIS A 565 28.91 -28.96 21.87
C HIS A 565 27.98 -28.31 20.84
N PHE A 566 26.74 -28.02 21.24
CA PHE A 566 25.66 -27.51 20.39
C PHE A 566 25.45 -28.35 19.13
N ALA B 30 -7.56 4.14 10.19
CA ALA B 30 -7.17 2.96 10.96
C ALA B 30 -8.32 1.92 11.13
N ARG B 31 -9.55 2.32 10.85
CA ARG B 31 -10.76 1.47 10.81
C ARG B 31 -10.93 0.77 9.45
N SER B 32 -12.01 0.03 9.25
CA SER B 32 -12.38 -0.65 8.00
C SER B 32 -12.82 0.30 6.89
N MET B 33 -11.94 0.62 5.95
CA MET B 33 -12.20 1.57 4.86
C MET B 33 -13.10 1.01 3.76
N ARG B 34 -13.81 1.88 3.03
CA ARG B 34 -14.58 1.45 1.85
C ARG B 34 -13.68 1.09 0.67
N GLY B 35 -14.09 0.10 -0.11
CA GLY B 35 -13.31 -0.43 -1.22
C GLY B 35 -12.23 -1.43 -0.79
N GLY B 36 -12.32 -1.99 0.41
CA GLY B 36 -11.29 -2.86 0.99
C GLY B 36 -10.07 -2.08 1.49
N ILE B 37 -9.10 -2.79 2.07
CA ILE B 37 -7.92 -2.13 2.62
C ILE B 37 -6.95 -1.67 1.52
N ARG B 38 -6.55 -0.41 1.58
CA ARG B 38 -5.27 0.05 1.04
C ARG B 38 -4.72 1.10 1.97
N LEU B 39 -3.47 0.98 2.38
CA LEU B 39 -2.92 1.82 3.45
C LEU B 39 -2.89 3.28 3.00
#